data_2RGY
#
_entry.id   2RGY
#
_cell.length_a   58.543
_cell.length_b   118.777
_cell.length_c   85.439
_cell.angle_alpha   90.00
_cell.angle_beta   90.00
_cell.angle_gamma   90.00
#
_symmetry.space_group_name_H-M   'C 2 2 21'
#
loop_
_entity.id
_entity.type
_entity.pdbx_description
1 polymer 'Transcriptional regulator, LacI family'
2 water water
#
_entity_poly.entity_id   1
_entity_poly.type   'polypeptide(L)'
_entity_poly.pdbx_seq_one_letter_code
;(MSE)SLATQQLGIIGLFVPTFFGSYYGTILKQTDLELRAVHRHVVVATGCGESTPREQALEAVRFLIGRDCDGVVVISH
DLHDEDLDELHR(MSE)HPK(MSE)VFLNRAFDALPDASFCPDHRRGGELAAATLIEHGHRKLAVISGPFTASDNVERLD
GFFDELARHGIARDSVPLIESDFSPEGGYAATCQLLESKAPFTGLFCANDT(MSE)AVSALARFQQLGISVPGDVSVIGY
DDDYSAAYAAPALTSVHIPTAELTQNAVRWLINQCYGTKWEIFREFPVTVS(MSE)RASVAREGHHHHHH
;
_entity_poly.pdbx_strand_id   A
#
# COMPACT_ATOMS: atom_id res chain seq x y z
N LEU A 8 6.04 -17.36 25.10
CA LEU A 8 6.49 -18.27 23.99
C LEU A 8 7.71 -17.70 23.28
N GLY A 9 7.89 -16.39 23.35
CA GLY A 9 9.02 -15.75 22.69
C GLY A 9 8.84 -15.60 21.19
N ILE A 10 7.59 -15.64 20.74
CA ILE A 10 7.27 -15.50 19.32
C ILE A 10 6.14 -14.51 19.09
N ILE A 11 6.29 -13.68 18.06
CA ILE A 11 5.26 -12.74 17.70
C ILE A 11 4.76 -13.23 16.36
N GLY A 12 3.45 -13.20 16.16
CA GLY A 12 2.90 -13.66 14.89
C GLY A 12 2.76 -12.51 13.91
N LEU A 13 2.87 -12.80 12.62
CA LEU A 13 2.75 -11.76 11.60
C LEU A 13 1.91 -12.21 10.41
N PHE A 14 0.87 -11.47 10.09
CA PHE A 14 0.05 -11.81 8.93
C PHE A 14 0.25 -10.79 7.82
N VAL A 15 0.51 -11.28 6.62
CA VAL A 15 0.66 -10.44 5.44
C VAL A 15 -0.20 -11.16 4.38
N PRO A 16 -0.92 -10.40 3.56
CA PRO A 16 -1.76 -11.00 2.53
C PRO A 16 -1.02 -11.77 1.45
N THR A 17 0.30 -11.60 1.39
CA THR A 17 1.12 -12.29 0.38
C THR A 17 2.60 -12.01 0.63
N PHE A 18 3.48 -12.93 0.22
CA PHE A 18 4.92 -12.77 0.40
C PHE A 18 5.54 -12.00 -0.75
N PHE A 19 4.75 -11.73 -1.79
CA PHE A 19 5.26 -11.02 -2.95
C PHE A 19 5.09 -9.52 -2.96
N GLY A 20 6.05 -8.84 -3.58
CA GLY A 20 6.04 -7.38 -3.64
C GLY A 20 7.05 -6.91 -2.61
N SER A 21 7.93 -5.97 -2.98
CA SER A 21 8.92 -5.48 -2.02
C SER A 21 8.27 -4.75 -0.84
N TYR A 22 7.01 -4.37 -1.00
CA TYR A 22 6.27 -3.68 0.05
C TYR A 22 6.10 -4.66 1.22
N TYR A 23 5.61 -5.87 0.92
CA TYR A 23 5.42 -6.85 1.97
C TYR A 23 6.77 -7.38 2.43
N GLY A 24 7.75 -7.42 1.54
CA GLY A 24 9.07 -7.89 1.92
C GLY A 24 9.65 -6.96 2.98
N THR A 25 9.39 -5.67 2.82
CA THR A 25 9.88 -4.66 3.76
C THR A 25 9.29 -4.89 5.15
N ILE A 26 8.00 -5.19 5.19
CA ILE A 26 7.30 -5.43 6.44
C ILE A 26 7.87 -6.68 7.11
N LEU A 27 8.10 -7.72 6.32
CA LEU A 27 8.65 -8.96 6.85
C LEU A 27 10.05 -8.73 7.38
N LYS A 28 10.87 -8.03 6.61
CA LYS A 28 12.24 -7.76 7.02
C LYS A 28 12.32 -6.99 8.32
N GLN A 29 11.61 -5.86 8.42
CA GLN A 29 11.61 -5.05 9.63
C GLN A 29 11.07 -5.79 10.85
N THR A 30 10.05 -6.61 10.66
CA THR A 30 9.49 -7.35 11.78
C THR A 30 10.55 -8.34 12.28
N ASP A 31 11.13 -9.08 11.36
CA ASP A 31 12.17 -10.07 11.68
C ASP A 31 13.33 -9.38 12.42
N LEU A 32 13.71 -8.22 11.91
CA LEU A 32 14.80 -7.41 12.44
C LEU A 32 14.59 -6.97 13.89
N GLU A 33 13.45 -6.34 14.17
CA GLU A 33 13.19 -5.89 15.52
C GLU A 33 13.08 -7.03 16.51
N LEU A 34 12.57 -8.17 16.05
CA LEU A 34 12.44 -9.33 16.92
C LEU A 34 13.79 -9.97 17.17
N ARG A 35 14.63 -10.04 16.14
CA ARG A 35 15.95 -10.62 16.29
C ARG A 35 16.74 -9.82 17.32
N ALA A 36 16.60 -8.49 17.24
CA ALA A 36 17.27 -7.58 18.15
C ALA A 36 16.99 -7.92 19.63
N VAL A 37 15.80 -8.45 19.90
CA VAL A 37 15.47 -8.84 21.27
C VAL A 37 15.53 -10.35 21.43
N HIS A 38 16.31 -10.98 20.57
CA HIS A 38 16.53 -12.42 20.60
C HIS A 38 15.25 -13.27 20.56
N ARG A 39 14.28 -12.85 19.76
CA ARG A 39 13.03 -13.58 19.64
C ARG A 39 12.68 -13.84 18.18
N HIS A 40 11.68 -14.69 17.94
CA HIS A 40 11.32 -15.07 16.59
C HIS A 40 9.96 -14.60 16.05
N VAL A 41 9.79 -14.76 14.75
CA VAL A 41 8.55 -14.38 14.10
C VAL A 41 7.98 -15.55 13.31
N VAL A 42 6.69 -15.79 13.50
CA VAL A 42 6.00 -16.83 12.77
C VAL A 42 5.17 -16.05 11.76
N VAL A 43 5.30 -16.40 10.48
CA VAL A 43 4.55 -15.70 9.45
C VAL A 43 3.41 -16.55 8.92
N ALA A 44 2.34 -15.88 8.53
CA ALA A 44 1.17 -16.54 7.98
C ALA A 44 0.59 -15.66 6.89
N THR A 45 0.11 -16.27 5.82
CA THR A 45 -0.50 -15.54 4.72
C THR A 45 -1.79 -16.24 4.35
N GLY A 46 -2.57 -15.65 3.45
CA GLY A 46 -3.83 -16.25 3.05
C GLY A 46 -3.68 -17.55 2.27
N CYS A 47 -4.34 -18.61 2.75
CA CYS A 47 -4.32 -19.94 2.13
C CYS A 47 -5.74 -20.51 1.96
N GLY A 48 -5.89 -21.45 1.02
CA GLY A 48 -7.19 -22.08 0.81
C GLY A 48 -8.08 -21.48 -0.25
N GLU A 49 -9.31 -22.00 -0.34
CA GLU A 49 -10.23 -21.50 -1.35
C GLU A 49 -11.27 -20.52 -0.85
N SER A 50 -11.12 -20.02 0.38
CA SER A 50 -12.07 -19.04 0.93
C SER A 50 -11.80 -17.69 0.29
N THR A 51 -12.61 -16.69 0.63
CA THR A 51 -12.44 -15.35 0.06
C THR A 51 -11.24 -14.68 0.71
N PRO A 52 -10.67 -13.66 0.06
CA PRO A 52 -9.51 -12.97 0.63
C PRO A 52 -9.75 -12.58 2.08
N ARG A 53 -10.93 -12.05 2.37
CA ARG A 53 -11.27 -11.65 3.72
C ARG A 53 -11.22 -12.82 4.69
N GLU A 54 -11.96 -13.88 4.39
CA GLU A 54 -12.00 -15.05 5.25
C GLU A 54 -10.65 -15.75 5.36
N GLN A 55 -9.82 -15.60 4.33
CA GLN A 55 -8.50 -16.21 4.34
C GLN A 55 -7.66 -15.49 5.38
N ALA A 56 -7.90 -14.20 5.57
CA ALA A 56 -7.16 -13.41 6.55
C ALA A 56 -7.69 -13.72 7.95
N LEU A 57 -9.00 -13.89 8.07
CA LEU A 57 -9.60 -14.20 9.37
C LEU A 57 -9.06 -15.53 9.88
N GLU A 58 -9.04 -16.52 9.00
CA GLU A 58 -8.56 -17.85 9.36
C GLU A 58 -7.06 -17.83 9.71
N ALA A 59 -6.28 -17.11 8.92
CA ALA A 59 -4.85 -17.03 9.18
C ALA A 59 -4.54 -16.37 10.50
N VAL A 60 -5.18 -15.24 10.79
CA VAL A 60 -4.94 -14.55 12.06
C VAL A 60 -5.41 -15.42 13.23
N ARG A 61 -6.54 -16.09 13.09
CA ARG A 61 -7.01 -16.97 14.16
C ARG A 61 -6.04 -18.12 14.38
N PHE A 62 -5.36 -18.54 13.32
CA PHE A 62 -4.37 -19.61 13.37
C PHE A 62 -3.13 -19.16 14.15
N LEU A 63 -2.80 -17.87 14.05
CA LEU A 63 -1.66 -17.32 14.76
C LEU A 63 -2.03 -17.19 16.23
N ILE A 64 -3.23 -16.70 16.48
CA ILE A 64 -3.74 -16.51 17.85
C ILE A 64 -3.83 -17.86 18.55
N GLY A 65 -4.21 -18.89 17.79
CA GLY A 65 -4.34 -20.22 18.38
C GLY A 65 -3.01 -20.78 18.84
N ARG A 66 -1.92 -20.36 18.22
CA ARG A 66 -0.59 -20.85 18.59
C ARG A 66 -0.05 -20.13 19.82
N ASP A 67 -0.82 -19.17 20.31
CA ASP A 67 -0.44 -18.37 21.48
C ASP A 67 0.80 -17.51 21.27
N CYS A 68 0.84 -16.81 20.14
CA CYS A 68 1.96 -15.92 19.87
C CYS A 68 1.83 -14.86 20.96
N ASP A 69 2.94 -14.32 21.45
CA ASP A 69 2.87 -13.31 22.50
C ASP A 69 2.17 -12.05 21.99
N GLY A 70 2.34 -11.76 20.71
CA GLY A 70 1.72 -10.60 20.10
C GLY A 70 1.48 -10.91 18.64
N VAL A 71 0.58 -10.17 18.00
CA VAL A 71 0.32 -10.42 16.59
C VAL A 71 0.32 -9.12 15.78
N VAL A 72 1.10 -9.12 14.70
CA VAL A 72 1.18 -7.97 13.81
C VAL A 72 0.28 -8.29 12.61
N VAL A 73 -0.61 -7.37 12.28
CA VAL A 73 -1.53 -7.63 11.19
C VAL A 73 -1.68 -6.52 10.16
N ILE A 74 -1.59 -6.90 8.89
CA ILE A 74 -1.80 -5.95 7.80
C ILE A 74 -2.65 -6.65 6.75
N SER A 75 -3.78 -6.03 6.42
CA SER A 75 -4.69 -6.58 5.44
C SER A 75 -5.72 -5.52 5.09
N HIS A 76 -6.00 -5.38 3.80
CA HIS A 76 -6.99 -4.42 3.37
C HIS A 76 -8.27 -5.17 2.99
N ASP A 77 -8.29 -6.47 3.22
CA ASP A 77 -9.45 -7.32 2.93
C ASP A 77 -10.33 -7.45 4.17
N LEU A 78 -9.73 -7.27 5.34
CA LEU A 78 -10.49 -7.37 6.58
C LEU A 78 -11.40 -6.15 6.70
N HIS A 79 -12.53 -6.33 7.36
CA HIS A 79 -13.46 -5.22 7.55
C HIS A 79 -13.20 -4.70 8.95
N ASP A 80 -13.53 -3.43 9.19
CA ASP A 80 -13.29 -2.86 10.51
C ASP A 80 -13.81 -3.76 11.64
N GLU A 81 -14.99 -4.33 11.46
CA GLU A 81 -15.58 -5.20 12.49
C GLU A 81 -14.68 -6.40 12.79
N ASP A 82 -13.90 -6.84 11.80
CA ASP A 82 -13.00 -7.97 11.99
C ASP A 82 -11.86 -7.56 12.91
N LEU A 83 -11.35 -6.35 12.74
CA LEU A 83 -10.27 -5.87 13.59
C LEU A 83 -10.69 -5.91 15.08
N ASP A 84 -11.93 -5.53 15.37
CA ASP A 84 -12.45 -5.53 16.74
C ASP A 84 -12.59 -6.93 17.33
N GLU A 85 -13.00 -7.87 16.49
CA GLU A 85 -13.18 -9.27 16.92
C GLU A 85 -11.83 -9.92 17.21
N LEU A 86 -10.90 -9.79 16.28
CA LEU A 86 -9.56 -10.34 16.43
C LEU A 86 -8.89 -9.72 17.64
N HIS A 87 -9.15 -8.44 17.90
CA HIS A 87 -8.54 -7.77 19.03
C HIS A 87 -9.05 -8.27 20.38
N ARG A 88 -10.33 -8.62 20.46
CA ARG A 88 -10.83 -9.12 21.74
C ARG A 88 -10.38 -10.56 21.97
N HIS A 90 -7.35 -11.47 21.14
CA HIS A 90 -5.95 -11.31 21.52
C HIS A 90 -5.66 -9.82 21.62
N PRO A 91 -5.72 -9.27 22.84
CA PRO A 91 -5.46 -7.83 23.04
C PRO A 91 -4.08 -7.30 22.63
N LYS A 92 -3.07 -8.17 22.53
CA LYS A 92 -1.75 -7.70 22.14
C LYS A 92 -1.52 -7.85 20.64
N VAL A 94 -1.16 -5.33 16.79
CA VAL A 94 -0.88 -4.04 16.20
C VAL A 94 -1.34 -4.13 14.74
N PHE A 95 -1.93 -3.04 14.24
CA PHE A 95 -2.44 -3.00 12.87
C PHE A 95 -1.68 -2.01 12.01
N LEU A 96 -1.21 -2.45 10.85
CA LEU A 96 -0.46 -1.60 9.94
C LEU A 96 -1.34 -1.15 8.76
N ASN A 97 -1.06 0.05 8.26
CA ASN A 97 -1.75 0.62 7.11
C ASN A 97 -3.28 0.81 7.16
N ARG A 98 -3.86 0.77 8.35
CA ARG A 98 -5.30 1.02 8.52
C ARG A 98 -5.57 1.44 9.95
N ALA A 99 -6.64 2.20 10.14
CA ALA A 99 -7.00 2.71 11.46
C ALA A 99 -7.67 1.69 12.38
N PHE A 100 -7.66 1.99 13.67
CA PHE A 100 -8.28 1.14 14.68
C PHE A 100 -8.85 2.06 15.78
N ASP A 101 -10.00 2.65 15.46
CA ASP A 101 -10.67 3.58 16.36
C ASP A 101 -10.84 3.15 17.81
N ALA A 102 -11.18 1.89 18.05
CA ALA A 102 -11.36 1.44 19.42
C ALA A 102 -10.08 1.60 20.26
N LEU A 103 -8.93 1.55 19.61
CA LEU A 103 -7.64 1.68 20.29
C LEU A 103 -6.62 2.25 19.31
N PRO A 104 -6.70 3.56 19.04
CA PRO A 104 -5.83 4.29 18.11
C PRO A 104 -4.33 3.99 18.10
N ASP A 105 -3.66 3.95 19.24
CA ASP A 105 -2.23 3.70 19.11
C ASP A 105 -1.85 2.27 18.73
N ALA A 106 -2.85 1.43 18.46
CA ALA A 106 -2.59 0.06 18.01
C ALA A 106 -2.56 0.12 16.48
N SER A 107 -2.73 1.34 15.95
CA SER A 107 -2.74 1.59 14.52
C SER A 107 -1.58 2.47 14.08
N PHE A 108 -0.84 1.99 13.08
CA PHE A 108 0.30 2.72 12.51
C PHE A 108 0.02 2.85 11.03
N CYS A 109 -0.31 4.07 10.61
CA CYS A 109 -0.67 4.32 9.22
C CYS A 109 -0.09 5.62 8.69
N PRO A 110 0.45 5.60 7.46
CA PRO A 110 1.00 6.84 6.93
C PRO A 110 -0.16 7.74 6.46
N ASP A 111 0.18 8.93 5.97
CA ASP A 111 -0.83 9.87 5.51
C ASP A 111 -1.12 9.63 4.01
N HIS A 112 -2.02 8.69 3.72
CA HIS A 112 -2.36 8.36 2.34
C HIS A 112 -3.06 9.50 1.60
N ARG A 113 -3.80 10.32 2.33
CA ARG A 113 -4.51 11.45 1.72
C ARG A 113 -3.45 12.33 1.09
N ARG A 114 -2.44 12.66 1.89
CA ARG A 114 -1.34 13.49 1.43
C ARG A 114 -0.60 12.79 0.29
N GLY A 115 -0.53 11.47 0.37
CA GLY A 115 0.14 10.70 -0.68
C GLY A 115 -0.56 10.88 -2.01
N GLY A 116 -1.88 10.74 -2.02
CA GLY A 116 -2.62 10.90 -3.26
C GLY A 116 -2.49 12.32 -3.77
N GLU A 117 -2.52 13.27 -2.85
CA GLU A 117 -2.40 14.68 -3.18
C GLU A 117 -1.11 14.95 -3.96
N LEU A 118 0.01 14.41 -3.45
CA LEU A 118 1.31 14.59 -4.09
C LEU A 118 1.37 13.96 -5.49
N ALA A 119 0.68 12.83 -5.67
CA ALA A 119 0.66 12.17 -6.96
C ALA A 119 -0.03 13.08 -7.98
N ALA A 120 -1.16 13.63 -7.59
CA ALA A 120 -1.89 14.53 -8.47
C ALA A 120 -1.07 15.78 -8.77
N ALA A 121 -0.49 16.38 -7.74
CA ALA A 121 0.30 17.60 -7.91
C ALA A 121 1.49 17.39 -8.83
N THR A 122 2.12 16.23 -8.74
CA THR A 122 3.26 15.93 -9.59
C THR A 122 2.79 16.01 -11.04
N LEU A 123 1.72 15.28 -11.35
CA LEU A 123 1.18 15.26 -12.71
C LEU A 123 0.71 16.64 -13.17
N ILE A 124 -0.09 17.30 -12.34
CA ILE A 124 -0.61 18.60 -12.72
C ILE A 124 0.50 19.63 -12.90
N GLU A 125 1.51 19.60 -12.04
CA GLU A 125 2.61 20.55 -12.14
C GLU A 125 3.40 20.35 -13.42
N HIS A 126 3.28 19.17 -14.02
CA HIS A 126 3.98 18.87 -15.25
C HIS A 126 3.11 19.16 -16.46
N GLY A 127 2.07 19.97 -16.25
CA GLY A 127 1.18 20.35 -17.34
C GLY A 127 0.09 19.39 -17.77
N HIS A 128 -0.04 18.25 -17.10
CA HIS A 128 -1.09 17.31 -17.48
C HIS A 128 -2.47 17.74 -16.96
N ARG A 129 -3.46 17.77 -17.86
CA ARG A 129 -4.83 18.15 -17.52
C ARG A 129 -5.81 16.99 -17.69
N LYS A 130 -5.47 16.06 -18.59
CA LYS A 130 -6.30 14.88 -18.84
C LYS A 130 -5.57 13.72 -18.19
N LEU A 131 -6.08 13.27 -17.05
CA LEU A 131 -5.46 12.20 -16.28
C LEU A 131 -6.32 10.95 -16.23
N ALA A 132 -5.71 9.85 -15.81
CA ALA A 132 -6.39 8.56 -15.67
C ALA A 132 -5.86 7.89 -14.40
N VAL A 133 -6.66 6.99 -13.83
CA VAL A 133 -6.25 6.30 -12.61
C VAL A 133 -6.56 4.81 -12.60
N ILE A 134 -5.60 4.02 -12.12
CA ILE A 134 -5.77 2.58 -11.98
C ILE A 134 -5.60 2.39 -10.49
N SER A 135 -6.68 2.06 -9.79
CA SER A 135 -6.60 1.90 -8.34
C SER A 135 -6.68 0.48 -7.82
N GLY A 136 -6.66 0.38 -6.50
CA GLY A 136 -6.79 -0.91 -5.84
C GLY A 136 -8.26 -1.08 -5.56
N PRO A 137 -8.65 -2.12 -4.82
CA PRO A 137 -10.08 -2.30 -4.53
C PRO A 137 -10.68 -1.10 -3.84
N PHE A 138 -11.89 -0.76 -4.24
CA PHE A 138 -12.60 0.38 -3.66
C PHE A 138 -12.89 0.16 -2.19
N THR A 139 -12.87 -1.10 -1.74
CA THR A 139 -13.12 -1.42 -0.34
C THR A 139 -11.87 -1.31 0.56
N ALA A 140 -10.72 -1.02 -0.04
CA ALA A 140 -9.50 -0.88 0.75
C ALA A 140 -9.42 0.58 1.22
N SER A 141 -9.45 0.78 2.53
CA SER A 141 -9.42 2.13 3.09
C SER A 141 -8.14 2.91 2.72
N ASP A 142 -7.02 2.22 2.62
CA ASP A 142 -5.78 2.90 2.26
C ASP A 142 -5.91 3.41 0.83
N ASN A 143 -6.72 2.72 0.03
CA ASN A 143 -6.92 3.11 -1.35
C ASN A 143 -7.89 4.28 -1.45
N VAL A 144 -8.97 4.20 -0.70
CA VAL A 144 -9.97 5.27 -0.72
C VAL A 144 -9.42 6.64 -0.32
N GLU A 145 -8.55 6.68 0.69
CA GLU A 145 -7.99 7.94 1.15
C GLU A 145 -6.93 8.42 0.18
N ARG A 146 -6.30 7.47 -0.48
CA ARG A 146 -5.28 7.75 -1.47
C ARG A 146 -5.97 8.47 -2.63
N LEU A 147 -7.10 7.93 -3.07
CA LEU A 147 -7.87 8.52 -4.17
C LEU A 147 -8.49 9.84 -3.73
N ASP A 148 -9.00 9.88 -2.50
CA ASP A 148 -9.62 11.10 -2.00
C ASP A 148 -8.64 12.26 -2.10
N GLY A 149 -7.41 12.06 -1.62
CA GLY A 149 -6.40 13.11 -1.69
C GLY A 149 -6.07 13.46 -3.13
N PHE A 150 -6.03 12.44 -3.98
CA PHE A 150 -5.74 12.66 -5.38
C PHE A 150 -6.80 13.59 -5.98
N PHE A 151 -8.06 13.25 -5.78
CA PHE A 151 -9.15 14.04 -6.32
C PHE A 151 -9.39 15.39 -5.66
N ASP A 152 -8.93 15.56 -4.42
CA ASP A 152 -9.09 16.85 -3.76
C ASP A 152 -8.19 17.81 -4.53
N GLU A 153 -6.96 17.39 -4.78
CA GLU A 153 -5.99 18.21 -5.50
C GLU A 153 -6.50 18.53 -6.91
N LEU A 154 -7.12 17.55 -7.56
CA LEU A 154 -7.67 17.76 -8.90
C LEU A 154 -8.78 18.81 -8.85
N ALA A 155 -9.62 18.74 -7.82
CA ALA A 155 -10.73 19.67 -7.66
C ALA A 155 -10.23 21.09 -7.51
N ARG A 156 -9.10 21.27 -6.82
CA ARG A 156 -8.51 22.59 -6.63
C ARG A 156 -8.04 23.18 -7.96
N HIS A 157 -7.90 22.32 -8.97
CA HIS A 157 -7.48 22.75 -10.28
C HIS A 157 -8.58 22.75 -11.31
N GLY A 158 -9.82 22.65 -10.83
CA GLY A 158 -10.96 22.67 -11.72
C GLY A 158 -11.21 21.38 -12.48
N ILE A 159 -10.76 20.27 -11.93
CA ILE A 159 -10.96 18.98 -12.57
C ILE A 159 -11.90 18.10 -11.74
N ALA A 160 -13.07 17.80 -12.31
CA ALA A 160 -14.08 17.01 -11.62
C ALA A 160 -13.74 15.54 -11.54
N ARG A 161 -13.88 14.97 -10.34
CA ARG A 161 -13.60 13.57 -10.12
C ARG A 161 -14.33 12.70 -11.15
N ASP A 162 -15.58 13.06 -11.45
CA ASP A 162 -16.41 12.30 -12.38
C ASP A 162 -15.94 12.24 -13.83
N SER A 163 -15.04 13.14 -14.23
CA SER A 163 -14.56 13.16 -15.61
C SER A 163 -13.25 12.39 -15.79
N VAL A 164 -12.76 11.78 -14.72
CA VAL A 164 -11.49 11.05 -14.79
C VAL A 164 -11.65 9.54 -14.88
N PRO A 165 -11.14 8.94 -15.97
CA PRO A 165 -11.26 7.48 -16.11
C PRO A 165 -10.58 6.79 -14.91
N LEU A 166 -11.32 5.90 -14.27
CA LEU A 166 -10.84 5.20 -13.09
C LEU A 166 -11.14 3.70 -13.23
N ILE A 167 -10.10 2.88 -13.28
CA ILE A 167 -10.27 1.43 -13.38
C ILE A 167 -9.98 0.81 -12.03
N GLU A 168 -10.95 0.09 -11.46
CA GLU A 168 -10.73 -0.56 -10.17
C GLU A 168 -9.94 -1.84 -10.42
N SER A 169 -8.88 -2.05 -9.64
CA SER A 169 -8.07 -3.25 -9.78
C SER A 169 -7.77 -3.90 -8.42
N ASP A 170 -6.78 -4.79 -8.37
CA ASP A 170 -6.48 -5.48 -7.12
C ASP A 170 -5.07 -5.41 -6.56
N PHE A 171 -4.27 -4.44 -7.01
CA PHE A 171 -2.88 -4.30 -6.54
C PHE A 171 -1.90 -5.35 -7.07
N SER A 172 -2.37 -6.33 -7.83
CA SER A 172 -1.47 -7.37 -8.35
C SER A 172 -0.91 -7.07 -9.74
N PRO A 173 0.17 -7.79 -10.14
CA PRO A 173 0.77 -7.56 -11.45
C PRO A 173 -0.23 -7.78 -12.58
N GLU A 174 -0.93 -8.91 -12.55
CA GLU A 174 -1.92 -9.23 -13.59
C GLU A 174 -3.10 -8.25 -13.57
N GLY A 175 -3.47 -7.80 -12.38
CA GLY A 175 -4.57 -6.85 -12.27
C GLY A 175 -4.22 -5.55 -12.94
N GLY A 176 -3.01 -5.07 -12.68
CA GLY A 176 -2.57 -3.82 -13.28
C GLY A 176 -2.50 -3.91 -14.79
N TYR A 177 -2.06 -5.06 -15.30
CA TYR A 177 -1.94 -5.26 -16.74
C TYR A 177 -3.31 -5.21 -17.39
N ALA A 178 -4.26 -5.94 -16.81
CA ALA A 178 -5.62 -5.99 -17.31
C ALA A 178 -6.29 -4.61 -17.23
N ALA A 179 -5.99 -3.88 -16.17
CA ALA A 179 -6.59 -2.56 -15.98
C ALA A 179 -6.05 -1.57 -17.03
N THR A 180 -4.77 -1.72 -17.37
CA THR A 180 -4.19 -0.81 -18.37
C THR A 180 -4.84 -1.11 -19.71
N CYS A 181 -5.02 -2.39 -20.01
CA CYS A 181 -5.65 -2.78 -21.27
C CYS A 181 -7.07 -2.24 -21.35
N GLN A 182 -7.82 -2.39 -20.26
CA GLN A 182 -9.20 -1.91 -20.23
C GLN A 182 -9.22 -0.39 -20.50
N LEU A 183 -8.24 0.32 -19.95
CA LEU A 183 -8.15 1.76 -20.12
C LEU A 183 -7.90 2.14 -21.57
N LEU A 184 -6.89 1.53 -22.19
CA LEU A 184 -6.56 1.81 -23.59
C LEU A 184 -7.68 1.45 -24.55
N GLU A 185 -8.38 0.37 -24.23
CA GLU A 185 -9.49 -0.11 -25.04
C GLU A 185 -10.68 0.84 -24.97
N SER A 186 -10.83 1.52 -23.83
CA SER A 186 -11.94 2.45 -23.66
C SER A 186 -11.77 3.65 -24.58
N LYS A 187 -10.53 3.93 -24.97
CA LYS A 187 -10.22 5.05 -25.86
C LYS A 187 -10.25 6.39 -25.13
N ALA A 188 -10.50 6.35 -23.83
CA ALA A 188 -10.55 7.57 -23.04
C ALA A 188 -9.20 8.28 -23.17
N PRO A 189 -9.23 9.58 -23.52
CA PRO A 189 -7.96 10.31 -23.65
C PRO A 189 -7.30 10.57 -22.31
N PHE A 190 -5.97 10.60 -22.29
CA PHE A 190 -5.23 10.88 -21.07
C PHE A 190 -3.74 10.97 -21.37
N THR A 191 -3.05 11.90 -20.71
CA THR A 191 -1.63 12.03 -20.94
C THR A 191 -0.85 11.71 -19.67
N GLY A 192 -1.59 11.57 -18.57
CA GLY A 192 -0.97 11.27 -17.29
C GLY A 192 -1.74 10.18 -16.56
N LEU A 193 -1.03 9.20 -16.04
CA LEU A 193 -1.65 8.07 -15.34
C LEU A 193 -1.14 7.86 -13.92
N PHE A 194 -2.07 7.67 -12.99
CA PHE A 194 -1.73 7.42 -11.60
C PHE A 194 -2.12 5.99 -11.24
N CYS A 195 -1.14 5.22 -10.79
CA CYS A 195 -1.36 3.84 -10.37
C CYS A 195 -1.25 3.72 -8.86
N ALA A 196 -2.28 3.15 -8.24
CA ALA A 196 -2.37 2.99 -6.80
C ALA A 196 -1.16 2.35 -6.11
N ASN A 197 -0.35 1.61 -6.87
CA ASN A 197 0.87 1.01 -6.32
C ASN A 197 1.86 0.75 -7.45
N ASP A 198 3.14 0.68 -7.09
CA ASP A 198 4.20 0.47 -8.08
C ASP A 198 4.01 -0.81 -8.90
N THR A 199 3.49 -1.86 -8.28
CA THR A 199 3.28 -3.12 -8.97
C THR A 199 2.40 -2.95 -10.19
N ALA A 201 1.70 -0.18 -11.63
CA ALA A 201 2.35 0.81 -12.47
C ALA A 201 3.34 0.13 -13.41
N VAL A 202 4.11 -0.82 -12.88
CA VAL A 202 5.09 -1.52 -13.69
C VAL A 202 4.38 -2.29 -14.81
N SER A 203 3.24 -2.90 -14.50
CA SER A 203 2.49 -3.62 -15.52
C SER A 203 1.99 -2.64 -16.60
N ALA A 204 1.68 -1.41 -16.18
CA ALA A 204 1.22 -0.41 -17.13
C ALA A 204 2.35 -0.08 -18.11
N LEU A 205 3.56 0.02 -17.57
CA LEU A 205 4.74 0.31 -18.37
C LEU A 205 4.97 -0.86 -19.32
N ALA A 206 4.56 -2.06 -18.89
CA ALA A 206 4.73 -3.25 -19.70
C ALA A 206 3.85 -3.20 -20.92
N ARG A 207 2.59 -2.83 -20.72
CA ARG A 207 1.63 -2.72 -21.82
C ARG A 207 2.01 -1.62 -22.78
N PHE A 208 2.30 -0.43 -22.24
CA PHE A 208 2.69 0.69 -23.07
C PHE A 208 3.87 0.35 -23.97
N GLN A 209 4.83 -0.41 -23.44
CA GLN A 209 6.00 -0.79 -24.22
C GLN A 209 5.60 -1.74 -25.34
N GLN A 210 4.66 -2.63 -25.05
CA GLN A 210 4.19 -3.59 -26.06
C GLN A 210 3.49 -2.88 -27.24
N LEU A 211 2.87 -1.74 -26.96
CA LEU A 211 2.14 -1.01 -28.01
C LEU A 211 2.87 0.20 -28.61
N GLY A 212 4.10 0.43 -28.18
CA GLY A 212 4.85 1.55 -28.72
C GLY A 212 4.45 2.89 -28.13
N ILE A 213 3.77 2.87 -26.99
CA ILE A 213 3.36 4.09 -26.30
C ILE A 213 4.51 4.47 -25.38
N SER A 214 5.23 5.52 -25.72
CA SER A 214 6.37 5.95 -24.95
C SER A 214 6.06 6.60 -23.60
N VAL A 215 6.94 6.32 -22.65
CA VAL A 215 6.84 6.86 -21.31
C VAL A 215 8.22 7.40 -20.98
N PRO A 216 8.32 8.69 -20.63
CA PRO A 216 7.26 9.69 -20.48
C PRO A 216 6.85 10.36 -21.79
N GLY A 217 7.41 9.92 -22.90
CA GLY A 217 7.07 10.51 -24.19
C GLY A 217 5.61 10.86 -24.37
N ASP A 218 4.77 9.85 -24.58
CA ASP A 218 3.34 10.05 -24.79
C ASP A 218 2.53 10.02 -23.51
N VAL A 219 2.98 9.24 -22.53
CA VAL A 219 2.28 9.13 -21.25
C VAL A 219 3.20 9.19 -20.07
N SER A 220 2.84 10.00 -19.08
CA SER A 220 3.62 10.13 -17.86
C SER A 220 2.94 9.23 -16.84
N VAL A 221 3.73 8.41 -16.16
CA VAL A 221 3.19 7.46 -15.21
C VAL A 221 3.79 7.64 -13.82
N ILE A 222 2.95 7.70 -12.80
CA ILE A 222 3.47 7.83 -11.44
C ILE A 222 2.90 6.71 -10.56
N GLY A 223 3.78 6.05 -9.81
CA GLY A 223 3.34 4.96 -8.96
C GLY A 223 3.14 5.37 -7.52
N TYR A 224 2.99 4.38 -6.64
CA TYR A 224 2.75 4.65 -5.23
C TYR A 224 3.41 3.54 -4.40
N ASP A 225 4.12 3.96 -3.34
CA ASP A 225 4.84 3.09 -2.41
C ASP A 225 6.33 3.42 -2.47
N ASP A 226 6.86 3.43 -3.69
CA ASP A 226 8.28 3.66 -3.97
C ASP A 226 9.00 2.40 -3.54
N ASP A 227 8.43 1.27 -3.96
CA ASP A 227 8.96 -0.03 -3.65
C ASP A 227 10.29 -0.08 -4.40
N TYR A 228 11.24 -0.87 -3.93
CA TYR A 228 12.51 -0.84 -4.62
C TYR A 228 12.65 -1.59 -5.94
N SER A 229 11.52 -1.80 -6.59
CA SER A 229 11.49 -2.41 -7.91
C SER A 229 11.33 -1.24 -8.87
N ALA A 230 10.99 -0.06 -8.33
CA ALA A 230 10.75 1.14 -9.12
C ALA A 230 11.99 1.74 -9.77
N ALA A 231 13.08 1.86 -9.01
CA ALA A 231 14.30 2.43 -9.55
C ALA A 231 14.80 1.66 -10.76
N TYR A 232 14.44 0.40 -10.85
CA TYR A 232 14.89 -0.43 -11.96
C TYR A 232 13.82 -0.75 -12.98
N ALA A 233 12.75 0.03 -12.98
CA ALA A 233 11.69 -0.14 -13.95
C ALA A 233 12.23 0.50 -15.23
N ALA A 234 11.59 0.21 -16.35
CA ALA A 234 12.02 0.79 -17.62
C ALA A 234 10.85 1.55 -18.23
N PRO A 235 10.86 2.88 -18.13
CA PRO A 235 11.89 3.73 -17.52
C PRO A 235 11.79 3.76 -15.99
N ALA A 236 12.80 4.32 -15.34
CA ALA A 236 12.81 4.41 -13.88
C ALA A 236 11.49 5.05 -13.43
N LEU A 237 10.77 4.36 -12.56
CA LEU A 237 9.46 4.81 -12.11
C LEU A 237 9.41 5.87 -11.03
N THR A 238 8.77 7.00 -11.35
CA THR A 238 8.59 8.10 -10.42
C THR A 238 7.46 7.60 -9.51
N SER A 239 7.67 7.67 -8.21
CA SER A 239 6.69 7.16 -7.27
C SER A 239 6.57 7.94 -5.98
N VAL A 240 5.38 7.90 -5.39
CA VAL A 240 5.13 8.56 -4.12
C VAL A 240 5.80 7.67 -3.06
N HIS A 241 6.70 8.27 -2.29
CA HIS A 241 7.42 7.52 -1.27
C HIS A 241 6.69 7.42 0.07
N ILE A 242 6.35 6.19 0.44
CA ILE A 242 5.64 5.90 1.70
C ILE A 242 6.66 5.34 2.70
N PRO A 243 6.71 5.89 3.92
CA PRO A 243 7.65 5.43 4.97
C PRO A 243 7.22 4.11 5.59
N THR A 244 7.23 3.06 4.80
CA THR A 244 6.81 1.74 5.25
C THR A 244 7.76 1.09 6.25
N ALA A 245 9.07 1.21 6.01
CA ALA A 245 10.04 0.63 6.93
C ALA A 245 9.95 1.27 8.31
N GLU A 246 9.84 2.60 8.34
CA GLU A 246 9.76 3.33 9.60
C GLU A 246 8.50 3.02 10.41
N LEU A 247 7.34 3.02 9.75
CA LEU A 247 6.10 2.73 10.45
C LEU A 247 6.10 1.31 10.97
N THR A 248 6.64 0.37 10.19
CA THR A 248 6.69 -1.02 10.61
C THR A 248 7.61 -1.14 11.82
N GLN A 249 8.79 -0.53 11.73
CA GLN A 249 9.74 -0.58 12.82
C GLN A 249 9.09 -0.09 14.11
N ASN A 250 8.38 1.03 14.02
CA ASN A 250 7.71 1.59 15.19
C ASN A 250 6.49 0.79 15.63
N ALA A 251 5.75 0.23 14.69
CA ALA A 251 4.58 -0.57 15.01
C ALA A 251 5.04 -1.82 15.78
N VAL A 252 6.12 -2.44 15.31
CA VAL A 252 6.65 -3.63 15.95
C VAL A 252 7.30 -3.31 17.29
N ARG A 253 7.98 -2.17 17.39
CA ARG A 253 8.60 -1.78 18.66
C ARG A 253 7.52 -1.53 19.71
N TRP A 254 6.44 -0.88 19.31
CA TRP A 254 5.32 -0.60 20.21
C TRP A 254 4.81 -1.92 20.78
N LEU A 255 4.64 -2.90 19.89
CA LEU A 255 4.15 -4.21 20.28
C LEU A 255 5.14 -4.92 21.21
N ILE A 256 6.42 -4.82 20.90
CA ILE A 256 7.44 -5.45 21.72
C ILE A 256 7.45 -4.84 23.13
N ASN A 257 7.21 -3.53 23.23
CA ASN A 257 7.14 -2.87 24.54
C ASN A 257 6.07 -3.54 25.41
N GLN A 258 4.88 -3.67 24.84
CA GLN A 258 3.74 -4.28 25.54
C GLN A 258 3.98 -5.75 25.89
N CYS A 259 4.63 -6.47 24.99
CA CYS A 259 4.89 -7.90 25.16
C CYS A 259 6.09 -8.31 25.99
N TYR A 260 7.23 -7.68 25.73
CA TYR A 260 8.45 -8.06 26.41
C TYR A 260 9.13 -7.07 27.36
N GLY A 261 8.48 -5.96 27.66
CA GLY A 261 9.07 -5.02 28.59
C GLY A 261 10.17 -4.09 28.10
N THR A 262 10.34 -3.96 26.79
CA THR A 262 11.34 -3.05 26.25
C THR A 262 10.83 -1.64 26.50
N LYS A 263 11.68 -0.64 26.32
CA LYS A 263 11.27 0.73 26.52
C LYS A 263 11.59 1.65 25.34
N TRP A 264 11.18 1.23 24.15
CA TRP A 264 11.40 2.00 22.94
C TRP A 264 10.55 3.26 22.93
N GLU A 265 11.09 4.36 22.42
CA GLU A 265 10.28 5.56 22.30
C GLU A 265 9.61 5.28 20.96
N ILE A 266 8.31 5.55 20.88
CA ILE A 266 7.56 5.29 19.65
C ILE A 266 7.17 6.53 18.87
N PHE A 267 7.45 6.53 17.56
CA PHE A 267 7.13 7.67 16.68
C PHE A 267 6.11 7.21 15.63
N ARG A 268 5.10 8.03 15.39
CA ARG A 268 4.03 7.71 14.44
C ARG A 268 3.88 8.67 13.26
N GLU A 269 4.75 9.66 13.17
CA GLU A 269 4.65 10.64 12.09
C GLU A 269 5.89 10.67 11.20
N PHE A 270 5.68 10.36 9.91
CA PHE A 270 6.77 10.39 8.96
C PHE A 270 6.28 11.08 7.71
N PRO A 271 7.16 11.83 7.05
CA PRO A 271 6.67 12.50 5.85
C PRO A 271 6.59 11.62 4.62
N VAL A 272 5.67 11.98 3.74
CA VAL A 272 5.50 11.29 2.48
C VAL A 272 6.08 12.30 1.48
N THR A 273 6.85 11.80 0.53
CA THR A 273 7.47 12.65 -0.48
C THR A 273 7.34 11.96 -1.83
N VAL A 274 7.84 12.60 -2.87
CA VAL A 274 7.79 12.00 -4.20
C VAL A 274 9.19 11.72 -4.69
N SER A 275 9.41 10.47 -5.10
CA SER A 275 10.71 10.07 -5.62
C SER A 275 10.68 10.29 -7.12
N ARG A 277 11.81 10.23 -10.72
CA ARG A 277 12.73 9.43 -11.52
C ARG A 277 12.55 9.81 -12.99
N ALA A 278 12.29 8.85 -13.87
CA ALA A 278 12.16 9.20 -15.28
C ALA A 278 10.85 8.91 -15.98
N SER A 279 9.82 8.50 -15.24
CA SER A 279 8.55 8.17 -15.87
C SER A 279 7.59 9.35 -16.00
N VAL A 280 7.93 10.49 -15.42
CA VAL A 280 7.09 11.67 -15.52
C VAL A 280 7.83 12.82 -16.21
N ALA A 281 7.22 13.39 -17.24
CA ALA A 281 7.81 14.50 -17.98
C ALA A 281 6.72 15.51 -18.34
N ARG A 282 7.11 16.67 -18.85
CA ARG A 282 6.14 17.70 -19.20
C ARG A 282 5.31 17.31 -20.44
#